data_5LFU
#
_entry.id   5LFU
#
_cell.length_a   101.237
_cell.length_b   101.237
_cell.length_c   687.477
_cell.angle_alpha   90.00
_cell.angle_beta   90.00
_cell.angle_gamma   120.00
#
_symmetry.space_group_name_H-M   'P 65 2 2'
#
loop_
_entity.id
_entity.type
_entity.pdbx_description
1 polymer 'Myelin-associated glycoprotein'
2 branched alpha-D-mannopyranose-(1-3)-[alpha-D-mannopyranose-(1-6)]beta-D-mannopyranose-(1-4)-2-acetamido-2-deoxy-beta-D-glucopyranose-(1-4)-2-acetamido-2-deoxy-beta-D-glucopyranose
3 branched alpha-L-fucopyranose-(1-6)-2-acetamido-2-deoxy-beta-D-glucopyranose
4 branched 2-acetamido-2-deoxy-beta-D-glucopyranose-(1-4)-2-acetamido-2-deoxy-beta-D-glucopyranose
5 non-polymer alpha-D-mannopyranose
6 non-polymer 2-acetamido-2-deoxy-beta-D-glucopyranose
#
_entity_poly.entity_id   1
_entity_poly.type   'polypeptide(L)'
_entity_poly.pdbx_seq_one_letter_code
;GSGHWGAWMPSTISAFEGTCVSIPCRFDFPDELRPAVVHGVWYFNSPYPKNYPPVVFKSRTQVVHESFQGRSRLLGDLGL
RNCTLLLSTLSPELGGKYYFRGDLGGYNQYTFSEHSVLDIVNTPNIVVPPEVVAGTEVEVSCMVPDNCPELRPELSWLGH
EGLGEPTVLGRLREDEGTWVQVSLLHFVPTREANGHRLGCQAAFPNTTLQFEGYASLDVKYPPVIVEMNSSVEAIEGSHV
SLLCGADSNPPPLLTWMRDGMVLREAVAKSLYLDLEEVTPGEDGVYACLAENAYGQDNRTVELSVMYAPWKPTVNGTVVA
VEGETVSILCSTQSNPDPILTIFKEKQILATVIYESQLQLELPAVTPEDDGEYWCVAENQYGQRATAFNLSVEFAPIILL
ESHCAAARDTVQCLCVVKSNPEPSVAFELPSRNVTVNETEREFVYSERSGLLLTSILTIRGQAQAPPRVICTSRNLYGTQ
SLELPFQGAHRAAAHHHHHH
;
_entity_poly.pdbx_strand_id   A
#
# COMPACT_ATOMS: atom_id res chain seq x y z
N GLY A 3 -72.76 22.37 8.24
CA GLY A 3 -72.07 21.87 7.07
C GLY A 3 -72.59 20.52 6.59
N HIS A 4 -71.77 19.81 5.80
CA HIS A 4 -72.05 18.44 5.34
C HIS A 4 -71.63 17.31 6.33
N TRP A 5 -71.92 16.04 6.03
CA TRP A 5 -71.43 14.94 6.91
C TRP A 5 -69.91 14.91 6.81
N GLY A 6 -69.27 14.31 7.81
CA GLY A 6 -67.82 14.27 7.72
C GLY A 6 -67.19 14.29 9.10
N ALA A 7 -65.91 13.96 9.21
CA ALA A 7 -65.29 13.95 10.52
C ALA A 7 -63.82 14.32 10.41
N TRP A 8 -63.17 14.47 11.55
CA TRP A 8 -61.76 14.74 11.57
C TRP A 8 -61.15 13.78 12.62
N MET A 9 -60.16 13.00 12.18
CA MET A 9 -59.40 12.08 13.03
C MET A 9 -57.99 11.82 12.52
N PRO A 10 -56.99 11.89 13.43
CA PRO A 10 -55.60 11.61 13.08
C PRO A 10 -55.41 10.17 12.59
N SER A 11 -54.86 10.03 11.38
CA SER A 11 -54.67 8.74 10.74
C SER A 11 -53.85 7.71 11.55
N THR A 12 -52.78 8.20 12.16
CA THR A 12 -51.87 7.40 12.95
C THR A 12 -51.70 7.87 14.39
N ILE A 13 -51.84 6.96 15.35
CA ILE A 13 -51.60 7.26 16.76
C ILE A 13 -50.90 6.07 17.44
N SER A 14 -49.99 6.36 18.36
CA SER A 14 -49.22 5.27 19.00
C SER A 14 -48.97 5.53 20.49
N ALA A 15 -48.85 4.45 21.27
CA ALA A 15 -48.50 4.56 22.69
C ALA A 15 -47.99 3.24 23.25
N PHE A 16 -47.39 3.30 24.44
CA PHE A 16 -46.76 2.13 25.04
C PHE A 16 -47.74 1.18 25.71
N GLU A 17 -47.19 0.12 26.29
CA GLU A 17 -47.97 -0.85 27.02
C GLU A 17 -48.27 -0.36 28.43
N GLY A 18 -49.53 -0.47 28.84
CA GLY A 18 -49.96 -0.09 30.16
C GLY A 18 -50.22 1.40 30.28
N THR A 19 -50.08 2.11 29.16
CA THR A 19 -50.32 3.54 29.12
C THR A 19 -51.58 3.91 28.33
N CYS A 20 -52.37 4.85 28.85
CA CYS A 20 -53.60 5.26 28.20
C CYS A 20 -53.33 5.96 26.86
N VAL A 21 -54.33 5.95 25.98
CA VAL A 21 -54.24 6.72 24.73
C VAL A 21 -55.40 7.70 24.71
N SER A 22 -55.20 8.81 24.01
CA SER A 22 -56.21 9.84 23.86
C SER A 22 -56.38 10.20 22.40
N ILE A 23 -57.35 9.57 21.75
CA ILE A 23 -57.60 9.77 20.33
C ILE A 23 -58.44 11.01 20.10
N PRO A 24 -57.82 12.07 19.52
CA PRO A 24 -58.52 13.31 19.19
C PRO A 24 -59.54 13.10 18.09
N CYS A 25 -60.79 13.48 18.37
CA CYS A 25 -61.88 13.21 17.45
C CYS A 25 -62.87 14.37 17.37
N ARG A 26 -63.25 14.70 16.15
CA ARG A 26 -64.24 15.74 15.94
C ARG A 26 -65.11 15.38 14.76
N PHE A 27 -66.38 15.77 14.78
CA PHE A 27 -67.23 15.40 13.66
C PHE A 27 -68.26 16.45 13.30
N ASP A 28 -68.82 16.28 12.11
CA ASP A 28 -69.79 17.18 11.57
C ASP A 28 -70.88 16.33 10.94
N PHE A 29 -72.09 16.88 10.96
CA PHE A 29 -73.30 16.31 10.38
C PHE A 29 -74.15 17.49 9.95
N PRO A 30 -75.07 17.28 8.98
CA PRO A 30 -75.91 18.38 8.52
C PRO A 30 -76.48 19.08 9.73
N ASP A 31 -76.31 20.39 9.80
CA ASP A 31 -76.78 21.11 10.97
C ASP A 31 -78.26 21.31 10.87
N GLU A 32 -78.85 20.91 9.74
CA GLU A 32 -80.29 21.01 9.64
C GLU A 32 -80.98 20.18 10.72
N LEU A 33 -80.55 18.94 10.92
CA LEU A 33 -81.14 18.22 12.05
C LEU A 33 -80.43 18.56 13.36
N ARG A 34 -81.22 18.73 14.41
CA ARG A 34 -80.68 18.99 15.74
C ARG A 34 -81.15 17.94 16.75
N PRO A 35 -80.65 16.71 16.67
CA PRO A 35 -81.21 15.81 17.68
C PRO A 35 -80.77 16.22 19.08
N ALA A 36 -81.67 16.07 20.05
CA ALA A 36 -81.37 16.43 21.43
C ALA A 36 -80.61 15.31 22.12
N VAL A 37 -80.69 14.11 21.55
CA VAL A 37 -79.96 12.97 22.06
C VAL A 37 -79.10 12.34 20.95
N VAL A 38 -77.79 12.47 21.09
CA VAL A 38 -76.84 11.95 20.10
C VAL A 38 -76.01 10.77 20.61
N HIS A 39 -76.30 9.56 20.10
CA HIS A 39 -75.58 8.35 20.49
C HIS A 39 -74.40 8.09 19.55
N GLY A 40 -73.37 7.37 20.00
CA GLY A 40 -72.25 7.06 19.13
C GLY A 40 -71.58 5.73 19.46
N VAL A 41 -70.88 5.15 18.47
CA VAL A 41 -70.17 3.88 18.69
C VAL A 41 -68.77 3.84 18.09
N TRP A 42 -67.86 3.22 18.82
CA TRP A 42 -66.48 3.06 18.40
C TRP A 42 -66.17 1.64 17.92
N TYR A 43 -66.24 1.41 16.61
CA TYR A 43 -65.92 0.07 16.05
C TYR A 43 -64.41 -0.21 15.88
N PHE A 44 -64.02 -1.46 16.16
CA PHE A 44 -62.64 -1.98 16.07
C PHE A 44 -62.38 -2.96 14.92
N ASN A 45 -61.29 -2.75 14.16
CA ASN A 45 -60.84 -3.71 13.14
C ASN A 45 -61.74 -3.87 11.90
N SER A 46 -62.94 -3.29 11.91
CA SER A 46 -63.85 -3.40 10.75
C SER A 46 -64.77 -2.19 10.56
N PRO A 47 -64.98 -1.82 9.28
CA PRO A 47 -65.73 -0.64 8.84
C PRO A 47 -67.20 -0.90 8.67
N TYR A 48 -67.54 -2.15 8.38
CA TYR A 48 -68.91 -2.48 8.06
C TYR A 48 -69.43 -3.37 9.18
N PRO A 49 -70.70 -3.18 9.54
CA PRO A 49 -71.37 -3.87 10.65
C PRO A 49 -71.63 -5.32 10.23
N LYS A 50 -71.66 -5.48 8.91
CA LYS A 50 -71.89 -6.75 8.24
C LYS A 50 -70.91 -7.84 8.73
N ASN A 51 -69.61 -7.53 8.72
CA ASN A 51 -68.62 -8.40 9.37
C ASN A 51 -68.40 -7.95 10.82
N TYR A 52 -69.17 -8.52 11.75
CA TYR A 52 -69.24 -8.05 13.13
C TYR A 52 -67.91 -7.77 13.81
N PRO A 53 -67.61 -6.47 14.04
CA PRO A 53 -66.42 -6.00 14.75
C PRO A 53 -66.70 -5.77 16.24
N PRO A 54 -65.67 -5.88 17.08
CA PRO A 54 -65.68 -5.61 18.52
C PRO A 54 -66.11 -4.18 18.83
N VAL A 55 -67.09 -4.05 19.73
CA VAL A 55 -67.64 -2.75 20.10
C VAL A 55 -66.80 -2.14 21.23
N VAL A 56 -65.99 -1.12 20.91
CA VAL A 56 -65.19 -0.43 21.94
C VAL A 56 -66.00 0.45 22.90
N PHE A 57 -66.95 1.22 22.39
CA PHE A 57 -67.82 2.02 23.27
C PHE A 57 -69.16 2.34 22.63
N LYS A 58 -70.21 2.40 23.45
CA LYS A 58 -71.50 2.83 22.98
C LYS A 58 -72.24 3.72 23.99
N SER A 59 -72.80 4.84 23.53
CA SER A 59 -73.52 5.76 24.42
C SER A 59 -74.73 5.11 25.08
N ARG A 60 -74.84 5.33 26.39
CA ARG A 60 -75.89 4.79 27.28
C ARG A 60 -75.97 3.27 27.16
N THR A 61 -74.80 2.61 27.20
CA THR A 61 -74.70 1.15 27.14
C THR A 61 -73.37 0.64 27.70
N GLN A 62 -73.47 -0.12 28.79
CA GLN A 62 -72.33 -0.73 29.43
C GLN A 62 -71.81 -1.94 28.64
N VAL A 63 -72.72 -2.59 27.89
CA VAL A 63 -72.34 -3.80 27.15
C VAL A 63 -71.47 -3.45 25.96
N VAL A 64 -70.20 -3.86 26.06
CA VAL A 64 -69.22 -3.73 24.98
C VAL A 64 -68.55 -5.09 24.76
N HIS A 65 -67.49 -5.16 23.96
CA HIS A 65 -66.78 -6.43 23.77
C HIS A 65 -66.06 -6.79 25.07
N GLU A 66 -65.93 -8.08 25.38
CA GLU A 66 -65.28 -8.48 26.62
C GLU A 66 -63.78 -8.14 26.64
N SER A 67 -63.22 -7.90 25.46
CA SER A 67 -61.80 -7.51 25.30
C SER A 67 -61.58 -6.00 25.45
N PHE A 68 -62.63 -5.28 25.78
CA PHE A 68 -62.60 -3.82 25.94
C PHE A 68 -63.38 -3.43 27.19
N GLN A 69 -63.80 -4.45 27.93
CA GLN A 69 -64.57 -4.30 29.16
C GLN A 69 -63.68 -3.70 30.25
N GLY A 70 -64.02 -2.49 30.68
CA GLY A 70 -63.24 -1.75 31.66
C GLY A 70 -61.92 -1.19 31.17
N ARG A 71 -61.76 -1.14 29.85
CA ARG A 71 -60.52 -0.64 29.26
C ARG A 71 -60.67 0.75 28.64
N SER A 72 -61.91 1.13 28.31
CA SER A 72 -62.12 2.39 27.59
C SER A 72 -63.21 3.29 28.17
N ARG A 73 -63.09 4.60 27.90
CA ARG A 73 -64.16 5.52 28.26
C ARG A 73 -64.03 6.83 27.45
N LEU A 74 -65.21 7.37 27.10
CA LEU A 74 -65.32 8.59 26.30
C LEU A 74 -65.36 9.86 27.17
N LEU A 75 -64.58 10.86 26.80
CA LEU A 75 -64.56 12.15 27.49
C LEU A 75 -65.24 13.24 26.66
N GLY A 76 -66.16 13.95 27.29
CA GLY A 76 -66.84 15.04 26.61
C GLY A 76 -68.09 14.61 25.89
N ASP A 77 -69.10 15.49 25.91
CA ASP A 77 -70.38 15.23 25.30
C ASP A 77 -70.27 15.19 23.79
N LEU A 78 -71.11 14.37 23.18
CA LEU A 78 -71.18 14.28 21.73
C LEU A 78 -71.86 15.52 21.16
N GLY A 79 -72.82 16.03 21.91
CA GLY A 79 -73.62 17.18 21.50
C GLY A 79 -72.80 18.43 21.23
N LEU A 80 -71.57 18.47 21.74
CA LEU A 80 -70.67 19.59 21.48
C LEU A 80 -69.64 19.20 20.42
N ARG A 81 -70.01 18.20 19.62
CA ARG A 81 -69.17 17.67 18.53
C ARG A 81 -67.81 17.18 19.01
N ASN A 82 -67.77 16.57 20.19
CA ASN A 82 -66.52 16.10 20.74
C ASN A 82 -66.57 14.61 21.02
N CYS A 83 -65.66 13.88 20.40
CA CYS A 83 -65.66 12.44 20.50
C CYS A 83 -64.28 11.87 20.80
N THR A 84 -63.42 12.65 21.46
CA THR A 84 -62.09 12.18 21.84
C THR A 84 -62.25 10.99 22.78
N LEU A 85 -61.38 10.00 22.67
CA LEU A 85 -61.59 8.78 23.44
C LEU A 85 -60.34 8.37 24.22
N LEU A 86 -60.55 7.82 25.42
CA LEU A 86 -59.42 7.36 26.20
C LEU A 86 -59.47 5.86 26.42
N LEU A 87 -58.35 5.20 26.09
CA LEU A 87 -58.22 3.76 26.33
C LEU A 87 -57.04 3.50 27.27
N SER A 88 -57.26 3.14 28.53
CA SER A 88 -56.11 2.90 29.43
C SER A 88 -55.65 1.43 29.48
N THR A 89 -54.44 1.23 29.99
CA THR A 89 -53.85 -0.11 30.16
C THR A 89 -53.87 -0.95 28.87
N LEU A 90 -53.13 -0.53 27.85
CA LEU A 90 -53.12 -1.21 26.56
C LEU A 90 -52.46 -2.59 26.54
N SER A 91 -52.75 -3.34 25.47
CA SER A 91 -52.14 -4.64 25.22
C SER A 91 -52.17 -4.89 23.71
N PRO A 92 -51.16 -5.62 23.18
CA PRO A 92 -51.01 -5.91 21.75
C PRO A 92 -52.26 -6.39 20.96
N GLU A 93 -53.23 -7.00 21.62
CA GLU A 93 -54.47 -7.39 20.91
C GLU A 93 -55.26 -6.18 20.46
N LEU A 94 -55.21 -5.12 21.27
CA LEU A 94 -55.99 -3.92 21.04
C LEU A 94 -55.44 -3.10 19.88
N GLY A 95 -54.25 -3.50 19.42
CA GLY A 95 -53.63 -2.86 18.28
C GLY A 95 -54.38 -3.20 17.01
N GLY A 96 -54.96 -2.18 16.39
CA GLY A 96 -55.72 -2.40 15.16
C GLY A 96 -56.25 -1.12 14.55
N LYS A 97 -57.28 -1.19 13.70
CA LYS A 97 -57.82 0.05 13.13
C LYS A 97 -59.17 0.41 13.75
N TYR A 98 -59.34 1.70 14.02
CA TYR A 98 -60.51 2.19 14.74
C TYR A 98 -61.34 3.15 13.88
N TYR A 99 -62.64 2.85 13.83
CA TYR A 99 -63.64 3.66 13.14
C TYR A 99 -64.62 4.25 14.15
N PHE A 100 -65.25 5.37 13.77
CA PHE A 100 -66.31 5.96 14.59
C PHE A 100 -67.61 6.09 13.78
N ARG A 101 -68.70 5.50 14.29
CA ARG A 101 -70.03 5.55 13.68
C ARG A 101 -70.98 6.36 14.55
N GLY A 102 -71.67 7.31 13.93
CA GLY A 102 -72.66 8.19 14.55
C GLY A 102 -74.14 7.78 14.49
N ASP A 103 -74.89 7.99 15.58
CA ASP A 103 -76.29 7.57 15.69
C ASP A 103 -77.15 8.70 16.23
N LEU A 104 -77.60 9.52 15.30
CA LEU A 104 -78.55 10.56 15.59
C LEU A 104 -79.80 10.23 14.79
N GLY A 105 -80.96 10.38 15.42
CA GLY A 105 -82.22 10.09 14.77
C GLY A 105 -82.28 8.66 14.25
N GLY A 106 -83.17 8.46 13.27
CA GLY A 106 -83.32 7.18 12.61
C GLY A 106 -82.95 7.16 11.13
N TYR A 107 -82.29 6.08 10.71
CA TYR A 107 -81.84 5.90 9.32
C TYR A 107 -80.82 6.96 8.96
N ASN A 108 -80.37 7.72 9.97
CA ASN A 108 -79.32 8.72 9.81
C ASN A 108 -78.20 8.26 10.70
N GLN A 109 -77.72 7.06 10.40
CA GLN A 109 -76.67 6.47 11.19
C GLN A 109 -75.55 6.37 10.17
N TYR A 110 -74.39 6.90 10.51
CA TYR A 110 -73.27 6.96 9.54
C TYR A 110 -71.96 6.52 10.12
N THR A 111 -71.37 5.53 9.50
CA THR A 111 -70.02 5.17 9.88
C THR A 111 -69.05 5.96 9.00
N PHE A 112 -68.25 6.82 9.63
CA PHE A 112 -67.36 7.69 8.88
C PHE A 112 -66.22 6.89 8.30
N SER A 113 -65.80 7.30 7.12
CA SER A 113 -64.80 6.56 6.37
C SER A 113 -63.39 6.79 6.91
N GLU A 114 -63.07 8.04 7.25
CA GLU A 114 -61.75 8.39 7.78
C GLU A 114 -61.56 7.76 9.15
N HIS A 115 -60.45 7.04 9.32
CA HIS A 115 -60.20 6.31 10.57
C HIS A 115 -58.84 6.58 11.22
N SER A 116 -58.65 5.97 12.40
CA SER A 116 -57.38 6.11 13.13
C SER A 116 -56.80 4.73 13.47
N VAL A 117 -55.51 4.54 13.23
CA VAL A 117 -54.87 3.25 13.53
C VAL A 117 -53.99 3.19 14.79
N LEU A 118 -54.35 2.30 15.72
CA LEU A 118 -53.66 2.14 16.99
C LEU A 118 -52.48 1.15 16.96
N ASP A 119 -51.28 1.71 17.09
CA ASP A 119 -50.00 0.99 17.19
C ASP A 119 -49.68 0.77 18.67
N ILE A 120 -49.06 -0.36 19.02
CA ILE A 120 -48.70 -0.59 20.40
C ILE A 120 -47.25 -0.98 20.49
N VAL A 121 -46.42 0.04 20.70
CA VAL A 121 -44.99 -0.11 20.64
C VAL A 121 -44.41 -0.03 22.04
N ASN A 122 -43.38 -0.84 22.30
CA ASN A 122 -42.63 -0.73 23.55
C ASN A 122 -41.17 -0.41 23.28
N THR A 123 -40.94 0.35 22.21
CA THR A 123 -39.60 0.84 21.89
C THR A 123 -39.67 2.23 21.26
N PRO A 124 -38.92 3.19 21.84
CA PRO A 124 -38.89 4.59 21.38
C PRO A 124 -38.26 4.73 20.01
N ASN A 125 -38.44 5.89 19.37
CA ASN A 125 -37.94 6.04 18.01
C ASN A 125 -36.79 7.03 17.91
N ILE A 126 -35.59 6.54 17.60
CA ILE A 126 -34.40 7.38 17.50
C ILE A 126 -34.05 7.69 16.04
N VAL A 127 -33.88 8.98 15.75
CA VAL A 127 -33.55 9.45 14.41
C VAL A 127 -32.11 9.97 14.35
N VAL A 128 -31.36 9.46 13.37
CA VAL A 128 -29.95 9.79 13.17
C VAL A 128 -29.74 10.20 11.71
N PRO A 129 -28.89 11.21 11.45
CA PRO A 129 -28.52 11.63 10.09
C PRO A 129 -28.03 10.48 9.20
N PRO A 130 -28.41 10.50 7.90
CA PRO A 130 -27.98 9.48 6.93
C PRO A 130 -26.48 9.28 6.88
N GLU A 131 -25.75 10.39 6.90
CA GLU A 131 -24.29 10.32 6.88
C GLU A 131 -23.69 11.16 8.02
N VAL A 132 -22.78 10.52 8.76
CA VAL A 132 -22.12 11.15 9.88
C VAL A 132 -20.63 11.32 9.58
N VAL A 133 -20.21 12.54 9.28
CA VAL A 133 -18.80 12.82 8.99
C VAL A 133 -18.05 13.10 10.29
N ALA A 134 -16.83 12.59 10.40
CA ALA A 134 -16.03 12.76 11.60
C ALA A 134 -15.56 14.20 11.81
N GLY A 135 -15.75 15.03 10.79
CA GLY A 135 -15.32 16.42 10.85
C GLY A 135 -16.46 17.42 10.79
N THR A 136 -17.67 16.97 11.10
CA THR A 136 -18.83 17.86 11.16
C THR A 136 -19.67 17.61 12.44
N GLU A 137 -20.44 18.63 12.83
CA GLU A 137 -21.29 18.57 14.03
C GLU A 137 -22.60 17.81 13.76
N VAL A 138 -22.92 16.86 14.65
CA VAL A 138 -24.05 15.96 14.45
C VAL A 138 -25.05 16.00 15.62
N GLU A 139 -26.34 15.90 15.29
CA GLU A 139 -27.43 15.87 16.26
C GLU A 139 -28.34 14.64 16.07
N VAL A 140 -28.62 13.93 17.17
CA VAL A 140 -29.50 12.77 17.11
C VAL A 140 -30.72 12.93 18.01
N SER A 141 -31.89 12.59 17.49
CA SER A 141 -33.12 12.80 18.26
C SER A 141 -33.71 11.50 18.81
N CYS A 142 -34.49 11.64 19.88
CA CYS A 142 -35.24 10.56 20.50
C CYS A 142 -36.69 10.98 20.69
N MET A 143 -37.53 10.50 19.79
CA MET A 143 -38.95 10.82 19.83
C MET A 143 -39.71 9.73 20.58
N VAL A 144 -40.60 10.17 21.47
CA VAL A 144 -41.49 9.28 22.22
C VAL A 144 -42.91 9.82 22.19
N PRO A 145 -43.86 8.99 21.72
CA PRO A 145 -45.27 9.33 21.49
C PRO A 145 -46.12 9.52 22.76
N ASP A 146 -46.06 10.71 23.36
CA ASP A 146 -46.86 11.02 24.54
C ASP A 146 -48.29 11.42 24.18
N ASN A 147 -49.17 10.43 24.11
CA ASN A 147 -50.59 10.68 23.86
C ASN A 147 -51.43 10.37 25.10
N CYS A 148 -50.81 10.54 26.27
CA CYS A 148 -51.48 10.32 27.55
C CYS A 148 -51.23 11.48 28.53
N PRO A 149 -52.28 12.25 28.83
CA PRO A 149 -52.21 13.45 29.67
C PRO A 149 -52.14 13.17 31.18
N GLU A 150 -52.49 11.97 31.61
CA GLU A 150 -52.48 11.62 33.03
C GLU A 150 -51.15 11.03 33.47
N LEU A 151 -50.54 10.24 32.58
CA LEU A 151 -49.22 9.68 32.84
C LEU A 151 -48.22 10.31 31.87
N ARG A 152 -47.61 11.42 32.28
CA ARG A 152 -46.63 12.13 31.45
C ARG A 152 -45.23 11.51 31.56
N PRO A 153 -44.73 10.89 30.47
CA PRO A 153 -43.45 10.17 30.44
C PRO A 153 -42.24 11.09 30.56
N GLU A 154 -41.15 10.60 31.16
CA GLU A 154 -39.90 11.36 31.19
C GLU A 154 -38.76 10.54 30.60
N LEU A 155 -37.81 11.25 29.96
CA LEU A 155 -36.78 10.64 29.12
C LEU A 155 -35.38 10.59 29.76
N SER A 156 -34.57 9.61 29.32
CA SER A 156 -33.20 9.41 29.81
C SER A 156 -32.25 9.02 28.67
N TRP A 157 -31.01 9.51 28.71
CA TRP A 157 -30.00 9.15 27.71
C TRP A 157 -28.99 8.14 28.26
N LEU A 158 -29.00 6.93 27.71
CA LEU A 158 -28.09 5.88 28.17
C LEU A 158 -26.91 5.70 27.22
N GLY A 159 -25.70 5.63 27.78
CA GLY A 159 -24.49 5.55 26.97
C GLY A 159 -24.11 6.92 26.45
N HIS A 160 -24.45 7.96 27.20
CA HIS A 160 -24.15 9.32 26.80
C HIS A 160 -22.64 9.58 26.76
N GLU A 161 -21.92 9.10 27.78
CA GLU A 161 -20.46 9.26 27.88
C GLU A 161 -19.99 10.71 27.76
N GLY A 162 -20.71 11.63 28.41
CA GLY A 162 -20.42 13.04 28.29
C GLY A 162 -21.03 13.61 27.03
N LEU A 163 -20.18 13.93 26.06
CA LEU A 163 -20.61 14.44 24.75
C LEU A 163 -21.56 15.63 24.85
N GLY A 164 -21.39 16.42 25.91
CA GLY A 164 -22.24 17.58 26.13
C GLY A 164 -23.59 17.23 26.72
N GLU A 165 -24.29 18.26 27.19
CA GLU A 165 -25.60 18.09 27.81
C GLU A 165 -26.64 17.64 26.80
N PRO A 166 -27.64 16.88 27.29
CA PRO A 166 -28.85 16.60 26.51
C PRO A 166 -29.81 17.78 26.57
N THR A 167 -30.29 18.20 25.40
CA THR A 167 -31.32 19.25 25.35
C THR A 167 -32.70 18.61 25.47
N VAL A 168 -33.68 19.36 25.97
CA VAL A 168 -35.03 18.83 26.21
C VAL A 168 -36.12 19.69 25.56
N LEU A 169 -37.13 19.04 24.99
CA LEU A 169 -38.30 19.75 24.47
C LEU A 169 -39.59 19.26 25.12
N GLY A 170 -40.60 20.12 25.14
CA GLY A 170 -41.94 19.70 25.54
C GLY A 170 -42.53 18.90 24.41
N ARG A 171 -43.82 18.61 24.48
CA ARG A 171 -44.49 17.91 23.40
C ARG A 171 -44.65 18.79 22.15
N LEU A 172 -44.25 18.25 21.00
CA LEU A 172 -44.48 18.92 19.71
C LEU A 172 -45.68 18.30 18.97
N ARG A 173 -46.13 19.00 17.93
CA ARG A 173 -47.35 18.63 17.20
C ARG A 173 -47.08 17.66 16.03
N GLU A 174 -46.78 16.41 16.37
CA GLU A 174 -46.48 15.41 15.35
C GLU A 174 -47.70 15.05 14.50
N ASP A 175 -47.43 14.83 13.21
CA ASP A 175 -48.43 14.45 12.21
C ASP A 175 -49.66 15.37 12.21
N GLU A 176 -50.83 14.77 12.34
CA GLU A 176 -52.06 15.55 12.35
C GLU A 176 -52.65 15.62 13.74
N GLY A 177 -52.13 16.53 14.54
CA GLY A 177 -52.69 16.83 15.84
C GLY A 177 -52.26 15.92 16.97
N THR A 178 -51.32 15.02 16.71
CA THR A 178 -50.88 14.14 17.79
C THR A 178 -49.72 14.80 18.54
N TRP A 179 -49.45 14.36 19.76
CA TRP A 179 -48.43 15.01 20.59
C TRP A 179 -47.27 14.08 20.95
N VAL A 180 -46.05 14.60 20.82
CA VAL A 180 -44.86 13.78 21.05
C VAL A 180 -43.74 14.50 21.82
N GLN A 181 -43.28 13.90 22.91
CA GLN A 181 -42.16 14.48 23.63
C GLN A 181 -40.85 14.02 22.99
N VAL A 182 -40.03 15.00 22.61
CA VAL A 182 -38.78 14.77 21.90
C VAL A 182 -37.58 15.15 22.77
N SER A 183 -36.49 14.42 22.61
CA SER A 183 -35.24 14.77 23.29
C SER A 183 -34.05 14.69 22.32
N LEU A 184 -33.43 15.84 22.05
CA LEU A 184 -32.33 15.90 21.10
C LEU A 184 -30.96 15.93 21.80
N LEU A 185 -29.94 15.43 21.11
CA LEU A 185 -28.56 15.45 21.61
C LEU A 185 -27.64 16.05 20.55
N HIS A 186 -26.78 16.99 20.97
CA HIS A 186 -25.86 17.70 20.08
C HIS A 186 -24.38 17.46 20.43
N PHE A 187 -23.64 16.82 19.53
CA PHE A 187 -22.20 16.66 19.73
C PHE A 187 -21.40 16.45 18.44
N VAL A 188 -20.06 16.43 18.55
CA VAL A 188 -19.18 16.21 17.41
C VAL A 188 -18.28 14.98 17.60
N PRO A 189 -18.35 14.03 16.65
CA PRO A 189 -17.67 12.74 16.82
C PRO A 189 -16.16 12.78 16.58
N THR A 190 -15.48 11.67 16.86
CA THR A 190 -14.08 11.51 16.49
C THR A 190 -13.99 10.45 15.39
N ARG A 191 -12.91 9.69 15.38
CA ARG A 191 -12.76 8.57 14.45
C ARG A 191 -13.14 7.25 15.14
N GLU A 192 -13.26 7.33 16.47
CA GLU A 192 -13.60 6.18 17.29
C GLU A 192 -15.10 6.09 17.53
N ALA A 193 -15.83 7.10 17.06
CA ALA A 193 -17.27 7.16 17.26
C ALA A 193 -17.98 5.99 16.60
N ASN A 194 -17.33 5.37 15.61
CA ASN A 194 -17.95 4.25 14.93
C ASN A 194 -17.88 3.00 15.78
N GLY A 195 -18.96 2.23 15.78
CA GLY A 195 -19.05 1.03 16.59
C GLY A 195 -19.43 1.36 18.02
N HIS A 196 -20.00 2.55 18.21
CA HIS A 196 -20.47 2.99 19.52
C HIS A 196 -21.99 2.82 19.62
N ARG A 197 -22.48 2.65 20.85
CA ARG A 197 -23.89 2.33 21.08
C ARG A 197 -24.59 3.44 21.87
N LEU A 198 -25.69 3.95 21.31
CA LEU A 198 -26.45 5.06 21.91
C LEU A 198 -27.89 4.65 22.23
N GLY A 199 -28.32 4.92 23.46
CA GLY A 199 -29.61 4.48 23.94
C GLY A 199 -30.52 5.53 24.56
N CYS A 200 -31.82 5.21 24.58
CA CYS A 200 -32.84 6.12 25.09
C CYS A 200 -33.87 5.38 25.95
N GLN A 201 -34.01 5.80 27.21
CA GLN A 201 -34.93 5.19 28.17
C GLN A 201 -36.12 6.11 28.48
N ALA A 202 -37.25 5.52 28.85
CA ALA A 202 -38.46 6.27 29.18
C ALA A 202 -39.16 5.65 30.40
N ALA A 203 -39.53 6.50 31.37
CA ALA A 203 -40.19 6.00 32.58
C ALA A 203 -41.29 6.93 33.12
N PHE A 204 -42.04 6.41 34.10
CA PHE A 204 -43.13 7.14 34.76
C PHE A 204 -42.98 7.04 36.28
N PRO A 205 -43.42 8.07 37.02
CA PRO A 205 -43.23 8.16 38.46
C PRO A 205 -43.78 6.96 39.28
N ASN A 206 -45.09 6.81 39.34
CA ASN A 206 -45.73 5.81 40.21
C ASN A 206 -45.72 4.38 39.66
N THR A 207 -44.89 4.12 38.66
CA THR A 207 -44.95 2.83 37.97
C THR A 207 -43.65 2.04 37.95
N THR A 208 -43.78 0.76 37.64
CA THR A 208 -42.65 -0.13 37.44
C THR A 208 -42.42 -0.33 35.95
N LEU A 209 -43.02 0.55 35.15
CA LEU A 209 -42.88 0.48 33.70
C LEU A 209 -41.68 1.30 33.22
N GLN A 210 -40.80 0.63 32.47
CA GLN A 210 -39.60 1.26 31.91
C GLN A 210 -39.35 0.71 30.50
N PHE A 211 -39.30 1.60 29.50
CA PHE A 211 -39.17 1.14 28.12
C PHE A 211 -37.97 1.78 27.42
N GLU A 212 -37.21 0.98 26.69
CA GLU A 212 -35.91 1.42 26.17
C GLU A 212 -35.70 1.10 24.69
N GLY A 213 -34.89 1.93 24.02
CA GLY A 213 -34.55 1.75 22.62
C GLY A 213 -33.10 2.07 22.28
N TYR A 214 -32.59 1.50 21.18
CA TYR A 214 -31.17 1.61 20.84
C TYR A 214 -30.88 2.03 19.39
N ALA A 215 -29.64 2.49 19.16
CA ALA A 215 -29.13 2.80 17.82
C ALA A 215 -27.59 2.82 17.81
N SER A 216 -26.97 2.20 16.80
CA SER A 216 -25.52 2.18 16.67
C SER A 216 -25.01 3.17 15.61
N LEU A 217 -24.01 3.97 15.98
CA LEU A 217 -23.51 5.02 15.10
C LEU A 217 -22.65 4.50 13.95
N ASP A 218 -22.78 5.16 12.81
CA ASP A 218 -21.99 4.86 11.62
C ASP A 218 -21.28 6.12 11.15
N VAL A 219 -20.24 6.52 11.88
CA VAL A 219 -19.50 7.76 11.57
C VAL A 219 -18.47 7.52 10.47
N LYS A 220 -18.40 8.48 9.55
CA LYS A 220 -17.54 8.35 8.37
C LYS A 220 -16.25 9.15 8.58
N TYR A 221 -15.14 8.44 8.73
CA TYR A 221 -13.88 9.13 8.92
C TYR A 221 -12.94 8.92 7.73
N PRO A 222 -12.10 9.91 7.44
CA PRO A 222 -11.11 9.88 6.37
C PRO A 222 -9.98 8.90 6.69
N PRO A 223 -9.51 8.15 5.67
CA PRO A 223 -8.49 7.11 5.89
C PRO A 223 -7.16 7.69 6.35
N VAL A 224 -6.71 7.26 7.52
CA VAL A 224 -5.38 7.60 8.03
C VAL A 224 -4.56 6.31 8.10
N ILE A 225 -3.48 6.25 7.33
CA ILE A 225 -2.66 5.03 7.18
C ILE A 225 -1.84 4.68 8.44
N VAL A 226 -2.15 3.54 9.04
CA VAL A 226 -1.45 3.03 10.22
C VAL A 226 -0.43 1.96 9.84
N GLU A 227 -0.92 0.89 9.21
CA GLU A 227 -0.08 -0.22 8.79
C GLU A 227 0.85 0.19 7.65
N MET A 228 1.97 0.81 7.98
CA MET A 228 2.96 1.16 6.97
C MET A 228 4.37 0.98 7.52
N ASN A 229 5.07 0.00 6.96
CA ASN A 229 6.46 -0.29 7.31
C ASN A 229 7.40 0.70 6.62
N SER A 230 8.55 0.98 7.23
CA SER A 230 9.39 2.10 6.80
C SER A 230 10.32 1.78 5.64
N SER A 231 11.51 2.39 5.64
CA SER A 231 12.48 2.23 4.55
C SER A 231 13.25 0.91 4.66
N VAL A 232 13.22 0.11 3.59
CA VAL A 232 13.86 -1.20 3.62
C VAL A 232 14.94 -1.42 2.56
N GLU A 233 15.74 -2.46 2.79
CA GLU A 233 16.83 -2.84 1.89
C GLU A 233 16.84 -4.36 1.68
N ALA A 234 16.57 -4.78 0.45
CA ALA A 234 16.44 -6.21 0.15
C ALA A 234 17.30 -6.66 -1.04
N ILE A 235 17.70 -7.93 -1.03
CA ILE A 235 18.56 -8.51 -2.07
C ILE A 235 17.75 -8.79 -3.33
N GLU A 236 18.40 -8.75 -4.49
CA GLU A 236 17.72 -9.09 -5.73
C GLU A 236 17.42 -10.58 -5.78
N GLY A 237 16.26 -10.93 -6.30
CA GLY A 237 15.83 -12.31 -6.40
C GLY A 237 15.03 -12.70 -5.18
N SER A 238 15.25 -12.01 -4.08
CA SER A 238 14.55 -12.29 -2.84
C SER A 238 13.07 -11.90 -2.94
N HIS A 239 12.30 -12.31 -1.94
CA HIS A 239 10.86 -12.05 -1.90
C HIS A 239 10.57 -10.77 -1.10
N VAL A 240 9.91 -9.80 -1.74
CA VAL A 240 9.60 -8.53 -1.11
C VAL A 240 8.09 -8.37 -0.86
N SER A 241 7.71 -8.17 0.41
CA SER A 241 6.30 -8.06 0.81
C SER A 241 5.96 -6.69 1.43
N LEU A 242 5.34 -5.83 0.64
CA LEU A 242 4.89 -4.53 1.14
C LEU A 242 3.45 -4.59 1.60
N LEU A 243 3.22 -4.20 2.84
CA LEU A 243 1.87 -4.23 3.40
C LEU A 243 1.35 -2.82 3.63
N CYS A 244 0.25 -2.46 2.97
CA CYS A 244 -0.33 -1.13 3.15
C CYS A 244 -1.74 -1.18 3.74
N GLY A 245 -1.93 -0.54 4.90
CA GLY A 245 -3.22 -0.57 5.55
C GLY A 245 -3.81 0.81 5.82
N ALA A 246 -5.12 0.94 5.58
CA ALA A 246 -5.82 2.19 5.84
C ALA A 246 -7.00 1.95 6.77
N ASP A 247 -7.27 2.90 7.66
CA ASP A 247 -8.41 2.79 8.56
C ASP A 247 -9.44 3.84 8.22
N SER A 248 -10.41 3.46 7.40
CA SER A 248 -11.55 4.33 7.13
C SER A 248 -12.81 3.50 7.14
N ASN A 249 -13.85 4.03 7.78
CA ASN A 249 -15.13 3.35 7.78
C ASN A 249 -15.76 3.22 6.38
N PRO A 250 -15.61 4.25 5.53
CA PRO A 250 -15.94 3.99 4.13
C PRO A 250 -14.79 3.26 3.44
N PRO A 251 -15.09 2.26 2.59
CA PRO A 251 -14.04 1.47 1.94
C PRO A 251 -13.07 2.36 1.19
N PRO A 252 -11.83 2.47 1.71
CA PRO A 252 -10.80 3.33 1.16
C PRO A 252 -10.14 2.74 -0.08
N LEU A 253 -10.14 3.51 -1.16
CA LEU A 253 -9.48 3.10 -2.40
C LEU A 253 -7.97 3.10 -2.23
N LEU A 254 -7.38 1.92 -2.16
CA LEU A 254 -5.94 1.76 -1.97
C LEU A 254 -5.21 1.55 -3.29
N THR A 255 -4.24 2.44 -3.55
CA THR A 255 -3.48 2.37 -4.78
C THR A 255 -1.97 2.26 -4.54
N TRP A 256 -1.37 1.27 -5.20
CA TRP A 256 0.08 1.13 -5.26
C TRP A 256 0.61 1.81 -6.51
N MET A 257 1.48 2.81 -6.33
CA MET A 257 1.99 3.55 -7.49
C MET A 257 3.48 3.89 -7.39
N ARG A 258 4.08 4.08 -8.56
CA ARG A 258 5.47 4.48 -8.66
C ARG A 258 5.73 5.20 -9.98
N ASP A 259 6.16 6.46 -9.89
CA ASP A 259 6.46 7.29 -11.06
C ASP A 259 5.26 7.48 -11.99
N GLY A 260 4.06 7.16 -11.49
CA GLY A 260 2.85 7.24 -12.30
C GLY A 260 2.53 5.95 -13.02
N MET A 261 2.42 4.87 -12.26
CA MET A 261 2.13 3.55 -12.83
C MET A 261 0.97 2.89 -12.06
N VAL A 262 0.14 2.14 -12.78
CA VAL A 262 -1.08 1.57 -12.21
C VAL A 262 -0.82 0.51 -11.13
N LEU A 263 0.01 -0.49 -11.46
CA LEU A 263 0.25 -1.63 -10.57
C LEU A 263 -1.04 -2.31 -10.14
N ARG A 264 -1.12 -2.63 -8.85
CA ARG A 264 -2.31 -3.27 -8.30
C ARG A 264 -3.17 -2.26 -7.54
N GLU A 265 -4.26 -1.84 -8.17
CA GLU A 265 -5.20 -0.92 -7.53
C GLU A 265 -6.39 -1.71 -7.00
N ALA A 266 -6.73 -1.50 -5.73
CA ALA A 266 -7.81 -2.29 -5.12
C ALA A 266 -8.53 -1.54 -4.01
N VAL A 267 -9.68 -2.07 -3.59
CA VAL A 267 -10.48 -1.44 -2.54
C VAL A 267 -10.68 -2.35 -1.33
N ALA A 268 -9.89 -2.14 -0.28
CA ALA A 268 -10.01 -2.93 0.95
C ALA A 268 -9.34 -2.22 2.12
N LYS A 269 -9.21 -2.91 3.24
CA LYS A 269 -8.59 -2.33 4.43
C LYS A 269 -7.08 -2.56 4.50
N SER A 270 -6.58 -3.50 3.70
CA SER A 270 -5.14 -3.78 3.63
C SER A 270 -4.75 -4.45 2.30
N LEU A 271 -3.89 -3.78 1.53
CA LEU A 271 -3.41 -4.31 0.26
C LEU A 271 -1.96 -4.79 0.35
N TYR A 272 -1.73 -6.01 -0.13
CA TYR A 272 -0.40 -6.58 -0.25
C TYR A 272 0.19 -6.22 -1.61
N LEU A 273 1.51 -6.02 -1.65
CA LEU A 273 2.24 -5.83 -2.89
C LEU A 273 3.48 -6.72 -2.86
N ASP A 274 3.49 -7.74 -3.72
CA ASP A 274 4.56 -8.72 -3.72
C ASP A 274 5.48 -8.58 -4.93
N LEU A 275 6.78 -8.68 -4.69
CA LEU A 275 7.77 -8.65 -5.78
C LEU A 275 8.77 -9.79 -5.65
N GLU A 276 9.07 -10.41 -6.78
CA GLU A 276 10.06 -11.48 -6.84
C GLU A 276 11.00 -11.21 -8.00
N GLU A 277 12.21 -11.75 -7.92
CA GLU A 277 13.26 -11.47 -8.89
C GLU A 277 13.45 -9.97 -8.98
N VAL A 278 13.67 -9.36 -7.83
CA VAL A 278 13.94 -7.94 -7.73
C VAL A 278 15.09 -7.55 -8.63
N THR A 279 14.94 -6.43 -9.32
CA THR A 279 15.97 -5.94 -10.22
C THR A 279 16.34 -4.52 -9.81
N PRO A 280 17.44 -3.98 -10.35
CA PRO A 280 17.77 -2.56 -10.17
C PRO A 280 16.69 -1.61 -10.71
N GLY A 281 15.80 -2.12 -11.56
CA GLY A 281 14.71 -1.31 -12.09
C GLY A 281 13.60 -1.13 -11.07
N GLU A 282 13.42 -2.12 -10.20
CA GLU A 282 12.41 -2.08 -9.15
C GLU A 282 12.92 -1.34 -7.91
N ASP A 283 14.17 -0.89 -7.97
CA ASP A 283 14.77 -0.10 -6.89
C ASP A 283 14.16 1.30 -6.86
N GLY A 284 14.02 1.86 -5.67
CA GLY A 284 13.52 3.23 -5.57
C GLY A 284 12.36 3.42 -4.62
N VAL A 285 11.53 4.44 -4.90
CA VAL A 285 10.46 4.83 -4.00
C VAL A 285 9.08 4.33 -4.46
N TYR A 286 8.38 3.64 -3.57
CA TYR A 286 7.00 3.19 -3.84
C TYR A 286 6.01 3.92 -2.95
N ALA A 287 4.95 4.44 -3.57
CA ALA A 287 3.95 5.21 -2.85
C ALA A 287 2.63 4.47 -2.72
N CYS A 288 2.03 4.56 -1.53
CA CYS A 288 0.70 4.03 -1.29
C CYS A 288 -0.28 5.17 -0.99
N LEU A 289 -1.33 5.26 -1.81
CA LEU A 289 -2.33 6.31 -1.62
C LEU A 289 -3.66 5.72 -1.15
N ALA A 290 -4.10 6.20 0.01
CA ALA A 290 -5.41 5.85 0.57
C ALA A 290 -6.41 6.96 0.27
N GLU A 291 -7.30 6.70 -0.68
CA GLU A 291 -8.18 7.73 -1.23
C GLU A 291 -9.65 7.43 -0.94
N ASN A 292 -10.32 8.36 -0.26
CA ASN A 292 -11.73 8.20 0.07
C ASN A 292 -12.50 9.50 -0.18
N ALA A 293 -13.81 9.36 -0.42
CA ALA A 293 -14.66 10.51 -0.73
C ALA A 293 -14.82 11.45 0.46
N TYR A 294 -14.19 11.10 1.59
CA TYR A 294 -14.22 11.94 2.77
C TYR A 294 -12.83 12.49 3.10
N GLY A 295 -11.85 12.16 2.28
CA GLY A 295 -10.49 12.62 2.51
C GLY A 295 -9.45 11.64 1.99
N GLN A 296 -8.18 12.03 2.07
CA GLN A 296 -7.12 11.24 1.45
C GLN A 296 -5.82 11.32 2.25
N ASP A 297 -5.00 10.28 2.13
CA ASP A 297 -3.70 10.28 2.79
C ASP A 297 -2.70 9.43 2.01
N ASN A 298 -1.56 10.02 1.66
CA ASN A 298 -0.52 9.28 0.97
C ASN A 298 0.70 9.04 1.85
N ARG A 299 1.23 7.80 1.84
CA ARG A 299 2.46 7.49 2.55
C ARG A 299 3.44 6.72 1.66
N THR A 300 4.73 7.03 1.77
CA THR A 300 5.75 6.49 0.87
C THR A 300 6.84 5.66 1.57
N VAL A 301 7.41 4.71 0.82
CA VAL A 301 8.50 3.87 1.31
C VAL A 301 9.68 3.83 0.32
N GLU A 302 10.89 3.61 0.84
CA GLU A 302 12.08 3.48 -0.01
C GLU A 302 12.67 2.07 0.04
N LEU A 303 12.66 1.39 -1.11
CA LEU A 303 13.25 0.06 -1.25
C LEU A 303 14.60 0.14 -1.98
N SER A 304 15.67 -0.10 -1.23
CA SER A 304 17.01 -0.18 -1.80
C SER A 304 17.36 -1.64 -2.11
N VAL A 305 17.67 -1.90 -3.38
CA VAL A 305 18.05 -3.24 -3.81
C VAL A 305 19.55 -3.42 -3.62
N MET A 306 19.94 -4.26 -2.67
CA MET A 306 21.36 -4.52 -2.44
C MET A 306 21.79 -5.74 -3.25
N TYR A 307 22.66 -5.49 -4.23
CA TYR A 307 23.13 -6.55 -5.12
C TYR A 307 24.61 -6.43 -5.41
N ALA A 308 25.29 -7.58 -5.42
CA ALA A 308 26.72 -7.66 -5.76
C ALA A 308 27.00 -7.09 -7.14
N PRO A 309 28.16 -6.44 -7.31
CA PRO A 309 28.46 -5.71 -8.55
C PRO A 309 28.46 -6.61 -9.79
N TRP A 310 28.04 -6.05 -10.93
CA TRP A 310 28.03 -6.77 -12.21
C TRP A 310 29.43 -7.22 -12.60
N LYS A 311 29.52 -8.21 -13.47
CA LYS A 311 30.83 -8.64 -14.00
C LYS A 311 31.42 -7.51 -14.84
N PRO A 312 32.58 -6.99 -14.42
CA PRO A 312 33.16 -5.76 -14.97
C PRO A 312 33.54 -5.85 -16.45
N THR A 313 33.52 -4.71 -17.13
CA THR A 313 33.87 -4.62 -18.54
C THR A 313 34.88 -3.50 -18.71
N VAL A 314 35.93 -3.74 -19.49
CA VAL A 314 36.96 -2.74 -19.69
C VAL A 314 37.22 -2.34 -21.15
N ASN A 315 37.21 -1.04 -21.43
CA ASN A 315 37.50 -0.54 -22.77
C ASN A 315 38.85 0.20 -22.77
N GLY A 316 39.10 1.06 -23.76
CA GLY A 316 40.39 1.75 -23.84
C GLY A 316 41.36 0.92 -24.67
N THR A 317 42.61 1.37 -24.79
CA THR A 317 43.62 0.64 -25.58
C THR A 317 44.09 -0.64 -24.88
N VAL A 318 44.66 -1.57 -25.66
CA VAL A 318 45.12 -2.86 -25.11
C VAL A 318 46.54 -3.23 -25.59
N VAL A 319 46.84 -2.88 -26.84
CA VAL A 319 48.15 -3.18 -27.42
C VAL A 319 48.76 -1.94 -28.08
N ALA A 320 49.66 -1.29 -27.37
CA ALA A 320 50.29 -0.06 -27.85
C ALA A 320 51.80 -0.22 -27.94
N VAL A 321 52.49 0.85 -28.29
CA VAL A 321 53.94 0.81 -28.47
C VAL A 321 54.70 1.15 -27.20
N GLU A 322 56.04 1.13 -27.29
CA GLU A 322 56.90 1.44 -26.15
C GLU A 322 57.19 2.93 -26.07
N GLY A 323 57.06 3.49 -24.87
CA GLY A 323 57.26 4.92 -24.66
C GLY A 323 56.01 5.75 -24.90
N GLU A 324 54.87 5.08 -24.98
CA GLU A 324 53.59 5.74 -25.26
C GLU A 324 52.71 5.79 -24.02
N THR A 325 51.54 6.42 -24.15
CA THR A 325 50.61 6.56 -23.04
C THR A 325 49.44 5.59 -23.18
N VAL A 326 48.98 5.03 -22.07
CA VAL A 326 47.92 4.00 -22.12
C VAL A 326 46.77 4.23 -21.15
N SER A 327 45.55 4.36 -21.68
CA SER A 327 44.36 4.56 -20.87
C SER A 327 43.50 3.31 -20.77
N ILE A 328 43.26 2.87 -19.54
CA ILE A 328 42.45 1.68 -19.30
C ILE A 328 41.23 2.01 -18.43
N LEU A 329 40.05 1.91 -19.03
CA LEU A 329 38.83 2.30 -18.34
C LEU A 329 37.99 1.08 -17.96
N CYS A 330 37.76 0.92 -16.66
CA CYS A 330 37.06 -0.24 -16.12
C CYS A 330 35.69 0.14 -15.56
N SER A 331 34.63 -0.37 -16.20
CA SER A 331 33.27 -0.03 -15.80
C SER A 331 32.52 -1.18 -15.11
N THR A 332 31.71 -0.79 -14.12
CA THR A 332 30.92 -1.69 -13.28
C THR A 332 29.60 -1.03 -12.85
N GLN A 333 28.50 -1.79 -12.87
CA GLN A 333 27.21 -1.28 -12.45
C GLN A 333 26.69 -1.99 -11.21
N SER A 334 27.02 -1.43 -10.04
CA SER A 334 26.58 -1.99 -8.77
C SER A 334 25.55 -1.09 -8.11
N ASN A 335 24.67 -1.71 -7.33
CA ASN A 335 23.59 -0.97 -6.66
C ASN A 335 24.01 -0.35 -5.32
N PRO A 336 24.78 -1.08 -4.48
CA PRO A 336 25.41 -0.38 -3.35
C PRO A 336 26.80 0.09 -3.75
N ASP A 337 27.24 1.22 -3.19
CA ASP A 337 28.51 1.83 -3.55
C ASP A 337 29.66 0.82 -3.52
N PRO A 338 30.16 0.44 -4.71
CA PRO A 338 31.21 -0.58 -4.83
C PRO A 338 32.61 0.03 -4.74
N ILE A 339 33.53 -0.69 -4.12
CA ILE A 339 34.93 -0.26 -4.06
C ILE A 339 35.76 -1.19 -4.94
N LEU A 340 36.52 -0.63 -5.88
CA LEU A 340 37.15 -1.49 -6.87
C LEU A 340 38.61 -1.15 -7.13
N THR A 341 39.43 -2.20 -7.26
CA THR A 341 40.89 -2.06 -7.44
C THR A 341 41.41 -2.89 -8.62
N ILE A 342 42.41 -2.34 -9.33
CA ILE A 342 43.10 -3.08 -10.40
C ILE A 342 44.60 -3.22 -10.14
N PHE A 343 45.12 -4.42 -10.40
CA PHE A 343 46.47 -4.79 -10.00
C PHE A 343 47.15 -5.77 -10.98
N LYS A 344 48.47 -5.66 -11.09
CA LYS A 344 49.30 -6.57 -11.89
C LYS A 344 49.71 -7.76 -11.00
N GLU A 345 50.07 -8.89 -11.60
CA GLU A 345 50.73 -9.95 -10.83
C GLU A 345 51.84 -9.31 -9.99
N LYS A 346 51.87 -9.56 -8.68
CA LYS A 346 52.90 -9.04 -7.74
C LYS A 346 52.86 -7.54 -7.37
N GLN A 347 52.21 -6.68 -8.15
CA GLN A 347 52.14 -5.24 -7.84
C GLN A 347 50.74 -4.64 -8.05
N ILE A 348 50.34 -3.73 -7.17
CA ILE A 348 49.01 -3.11 -7.23
C ILE A 348 49.04 -1.71 -7.85
N LEU A 349 48.10 -1.43 -8.75
CA LEU A 349 48.13 -0.19 -9.53
C LEU A 349 47.12 0.88 -9.08
N ALA A 350 45.83 0.62 -9.26
CA ALA A 350 44.82 1.66 -9.00
C ALA A 350 43.75 1.22 -8.01
N THR A 351 43.37 2.13 -7.11
CA THR A 351 42.38 1.83 -6.07
C THR A 351 41.33 2.93 -5.97
N VAL A 352 40.09 2.62 -6.38
CA VAL A 352 39.02 3.62 -6.25
C VAL A 352 38.01 3.18 -5.19
N ILE A 353 37.59 4.15 -4.39
CA ILE A 353 36.77 3.90 -3.20
C ILE A 353 35.33 4.40 -3.41
N TYR A 354 34.38 3.48 -3.31
CA TYR A 354 32.96 3.79 -3.35
C TYR A 354 32.50 4.45 -4.65
N GLU A 355 32.95 3.94 -5.79
CA GLU A 355 32.55 4.55 -7.05
C GLU A 355 32.25 3.53 -8.14
N SER A 356 31.55 4.01 -9.17
CA SER A 356 31.05 3.15 -10.23
C SER A 356 32.18 2.59 -11.11
N GLN A 357 33.01 3.48 -11.64
CA GLN A 357 34.05 3.09 -12.60
C GLN A 357 35.44 3.59 -12.19
N LEU A 358 36.47 2.90 -12.70
CA LEU A 358 37.87 3.27 -12.41
C LEU A 358 38.79 3.25 -13.63
N GLN A 359 39.50 4.36 -13.83
CA GLN A 359 40.42 4.52 -14.93
C GLN A 359 41.85 4.50 -14.43
N LEU A 360 42.72 3.87 -15.18
CA LEU A 360 44.15 3.91 -14.90
C LEU A 360 44.90 4.37 -16.13
N GLU A 361 45.77 5.34 -15.93
CA GLU A 361 46.64 5.75 -17.03
C GLU A 361 48.08 5.34 -16.74
N LEU A 362 48.78 5.00 -17.81
CA LEU A 362 50.19 4.62 -17.77
C LEU A 362 51.01 5.61 -18.59
N PRO A 363 51.97 6.28 -17.92
CA PRO A 363 52.77 7.39 -18.46
C PRO A 363 53.70 6.97 -19.60
N ALA A 364 54.49 5.93 -19.37
CA ALA A 364 55.33 5.33 -20.40
C ALA A 364 55.33 3.84 -20.19
N VAL A 365 55.55 3.07 -21.24
CA VAL A 365 55.54 1.62 -21.06
C VAL A 365 56.93 1.03 -21.05
N THR A 366 57.39 0.66 -19.86
CA THR A 366 58.58 -0.16 -19.73
C THR A 366 58.18 -1.59 -20.06
N PRO A 367 59.10 -2.35 -20.67
CA PRO A 367 58.87 -3.75 -21.08
C PRO A 367 58.06 -4.57 -20.10
N GLU A 368 58.34 -4.39 -18.81
CA GLU A 368 57.70 -5.15 -17.73
C GLU A 368 56.20 -4.91 -17.65
N ASP A 369 55.73 -3.80 -18.22
CA ASP A 369 54.30 -3.48 -18.23
C ASP A 369 53.52 -4.45 -19.12
N ASP A 370 54.22 -5.42 -19.70
CA ASP A 370 53.58 -6.54 -20.36
C ASP A 370 53.28 -7.62 -19.33
N GLY A 371 52.34 -8.49 -19.66
CA GLY A 371 51.81 -9.46 -18.71
C GLY A 371 50.32 -9.22 -18.59
N GLU A 372 49.67 -9.96 -17.69
CA GLU A 372 48.22 -9.81 -17.54
C GLU A 372 47.81 -9.19 -16.22
N TYR A 373 46.90 -8.23 -16.34
CA TYR A 373 46.42 -7.47 -15.21
C TYR A 373 45.01 -7.91 -14.84
N TRP A 374 44.57 -7.52 -13.64
CA TRP A 374 43.29 -7.96 -13.09
C TRP A 374 42.49 -6.76 -12.53
N CYS A 375 41.17 -6.79 -12.70
CA CYS A 375 40.25 -5.73 -12.25
C CYS A 375 39.12 -6.32 -11.37
N VAL A 376 39.18 -6.05 -10.06
CA VAL A 376 38.20 -6.59 -9.11
C VAL A 376 37.23 -5.53 -8.56
N ALA A 377 35.95 -5.90 -8.51
CA ALA A 377 34.92 -5.01 -7.96
C ALA A 377 34.40 -5.57 -6.63
N GLU A 378 34.97 -5.09 -5.54
CA GLU A 378 34.68 -5.62 -4.22
C GLU A 378 33.53 -4.83 -3.55
N ASN A 379 32.66 -5.57 -2.86
CA ASN A 379 31.44 -5.03 -2.28
C ASN A 379 30.96 -5.89 -1.11
N GLN A 380 30.19 -5.27 -0.20
CA GLN A 380 29.71 -5.89 1.04
C GLN A 380 28.98 -7.24 0.85
N TYR A 381 28.25 -7.38 -0.26
CA TYR A 381 27.36 -8.53 -0.47
C TYR A 381 27.90 -9.55 -1.48
N GLY A 382 29.03 -9.22 -2.11
CA GLY A 382 29.66 -10.11 -3.06
C GLY A 382 30.68 -9.39 -3.93
N GLN A 383 31.47 -10.15 -4.68
CA GLN A 383 32.51 -9.57 -5.54
C GLN A 383 32.86 -10.40 -6.77
N ARG A 384 32.83 -9.75 -7.92
CA ARG A 384 33.20 -10.35 -9.20
C ARG A 384 34.35 -9.57 -9.81
N ALA A 385 34.91 -10.13 -10.87
CA ALA A 385 36.14 -9.60 -11.44
C ALA A 385 36.26 -9.86 -12.93
N THR A 386 37.30 -9.28 -13.53
CA THR A 386 37.63 -9.53 -14.93
C THR A 386 39.14 -9.37 -15.13
N ALA A 387 39.67 -9.81 -16.27
CA ALA A 387 41.13 -9.77 -16.49
C ALA A 387 41.49 -9.27 -17.89
N PHE A 388 42.67 -8.67 -18.03
CA PHE A 388 43.10 -8.17 -19.34
C PHE A 388 44.61 -8.20 -19.55
N ASN A 389 45.04 -8.77 -20.68
CA ASN A 389 46.45 -8.83 -20.99
C ASN A 389 46.95 -7.55 -21.65
N LEU A 390 47.92 -6.91 -20.99
CA LEU A 390 48.68 -5.85 -21.62
C LEU A 390 49.88 -6.51 -22.27
N SER A 391 49.90 -6.55 -23.59
CA SER A 391 51.07 -7.05 -24.33
C SER A 391 51.61 -5.95 -25.22
N VAL A 392 52.69 -5.32 -24.79
CA VAL A 392 53.24 -4.17 -25.50
C VAL A 392 54.19 -4.58 -26.61
N GLU A 393 54.58 -3.63 -27.46
CA GLU A 393 55.53 -3.89 -28.55
C GLU A 393 56.93 -3.39 -28.21
N PHE A 394 57.95 -4.20 -28.51
CA PHE A 394 59.31 -3.87 -28.08
C PHE A 394 60.31 -3.74 -29.22
N ALA A 395 61.22 -2.79 -29.08
CA ALA A 395 62.44 -2.76 -29.89
C ALA A 395 63.43 -3.70 -29.22
N PRO A 396 63.80 -4.79 -29.90
CA PRO A 396 64.50 -5.96 -29.36
C PRO A 396 65.60 -5.62 -28.37
N ILE A 397 65.66 -6.38 -27.28
CA ILE A 397 66.64 -6.17 -26.22
C ILE A 397 67.48 -7.43 -26.01
N ILE A 398 68.75 -7.39 -26.39
CA ILE A 398 69.66 -8.52 -26.14
C ILE A 398 70.07 -8.57 -24.66
N LEU A 399 69.62 -9.61 -23.96
CA LEU A 399 69.93 -9.80 -22.53
C LEU A 399 71.40 -10.13 -22.31
N LEU A 400 71.92 -9.75 -21.14
CA LEU A 400 73.34 -10.00 -20.85
C LEU A 400 73.56 -11.31 -20.08
N GLU A 401 72.68 -12.28 -20.34
CA GLU A 401 72.88 -13.67 -19.94
C GLU A 401 73.65 -14.37 -21.06
N SER A 402 74.10 -13.57 -22.02
CA SER A 402 74.76 -14.05 -23.23
C SER A 402 76.28 -14.19 -23.06
N HIS A 403 76.83 -15.25 -23.63
CA HIS A 403 78.26 -15.54 -23.46
C HIS A 403 78.85 -16.37 -24.61
N CYS A 404 80.15 -16.64 -24.51
CA CYS A 404 80.85 -17.53 -25.45
C CYS A 404 81.77 -18.51 -24.73
N ALA A 405 81.25 -19.70 -24.46
CA ALA A 405 82.02 -20.75 -23.80
C ALA A 405 82.87 -21.51 -24.82
N ALA A 406 84.15 -21.69 -24.50
CA ALA A 406 85.09 -22.34 -25.41
C ALA A 406 85.58 -23.69 -24.89
N ALA A 407 84.95 -24.77 -25.34
CA ALA A 407 85.49 -26.10 -25.11
C ALA A 407 86.77 -26.23 -25.93
N ARG A 408 87.64 -27.14 -25.54
CA ARG A 408 88.94 -27.25 -26.17
C ARG A 408 88.85 -27.67 -27.62
N ASP A 409 88.04 -28.70 -27.87
CA ASP A 409 87.92 -29.25 -29.21
C ASP A 409 87.05 -28.36 -30.11
N THR A 410 86.09 -27.69 -29.52
CA THR A 410 85.11 -26.94 -30.31
C THR A 410 84.58 -25.73 -29.54
N VAL A 411 84.14 -24.68 -30.24
CA VAL A 411 83.76 -23.42 -29.56
C VAL A 411 82.26 -23.09 -29.73
N GLN A 412 81.56 -22.78 -28.61
CA GLN A 412 80.11 -22.51 -28.70
C GLN A 412 79.60 -21.26 -27.94
N CYS A 413 78.60 -20.59 -28.54
CA CYS A 413 78.07 -19.34 -28.01
C CYS A 413 76.58 -19.39 -27.72
N LEU A 414 76.12 -18.49 -26.84
CA LEU A 414 74.69 -18.40 -26.49
C LEU A 414 74.25 -16.96 -26.27
N CYS A 415 73.33 -16.51 -27.13
CA CYS A 415 72.82 -15.14 -27.11
C CYS A 415 71.29 -15.14 -27.12
N VAL A 416 70.70 -14.35 -26.23
CA VAL A 416 69.24 -14.28 -26.13
C VAL A 416 68.74 -12.84 -26.20
N VAL A 417 67.58 -12.66 -26.83
CA VAL A 417 66.94 -11.35 -26.90
C VAL A 417 65.49 -11.44 -26.42
N LYS A 418 64.84 -10.30 -26.32
CA LYS A 418 63.40 -10.31 -26.11
C LYS A 418 62.77 -9.18 -26.92
N SER A 419 61.72 -9.52 -27.66
CA SER A 419 60.97 -8.55 -28.46
C SER A 419 59.52 -9.02 -28.64
N ASN A 420 58.59 -8.11 -28.89
CA ASN A 420 57.19 -8.51 -29.08
C ASN A 420 56.96 -9.22 -30.43
N PRO A 421 57.31 -8.59 -31.56
CA PRO A 421 57.21 -9.44 -32.75
C PRO A 421 58.45 -10.32 -32.88
N GLU A 422 58.34 -11.44 -33.56
CA GLU A 422 59.48 -12.34 -33.69
C GLU A 422 60.67 -11.61 -34.31
N PRO A 423 61.83 -11.68 -33.65
CA PRO A 423 63.05 -11.02 -34.13
C PRO A 423 63.88 -11.89 -35.07
N SER A 424 64.00 -11.47 -36.33
CA SER A 424 64.93 -12.08 -37.25
C SER A 424 66.34 -11.86 -36.68
N VAL A 425 66.98 -12.98 -36.36
CA VAL A 425 68.22 -12.99 -35.59
C VAL A 425 69.38 -13.43 -36.49
N ALA A 426 70.60 -12.99 -36.15
CA ALA A 426 71.76 -13.26 -37.00
C ALA A 426 73.08 -13.18 -36.22
N PHE A 427 74.07 -13.91 -36.71
CA PHE A 427 75.43 -13.82 -36.18
C PHE A 427 76.40 -13.23 -37.19
N GLU A 428 77.31 -12.37 -36.69
CA GLU A 428 78.43 -11.88 -37.48
C GLU A 428 79.74 -12.25 -36.78
N LEU A 429 80.76 -12.62 -37.54
CA LEU A 429 82.01 -13.05 -36.95
C LEU A 429 83.21 -12.84 -37.86
N PRO A 430 84.37 -12.50 -37.27
CA PRO A 430 85.67 -12.41 -37.94
C PRO A 430 86.45 -13.73 -38.06
N SER A 431 86.19 -14.51 -39.10
CA SER A 431 86.90 -15.78 -39.29
C SER A 431 88.01 -15.64 -40.34
N ARG A 432 89.26 -15.78 -39.90
CA ARG A 432 90.42 -15.61 -40.78
C ARG A 432 90.35 -16.53 -42.00
N ASN A 433 90.91 -16.03 -43.10
CA ASN A 433 90.78 -16.70 -44.38
C ASN A 433 89.30 -16.98 -44.70
N VAL A 434 89.06 -17.95 -45.56
CA VAL A 434 87.70 -18.40 -45.84
C VAL A 434 87.66 -19.94 -45.91
N THR A 435 86.95 -20.53 -44.95
CA THR A 435 86.81 -21.98 -44.82
C THR A 435 85.34 -22.43 -44.98
N VAL A 436 85.03 -22.96 -46.17
CA VAL A 436 83.69 -23.44 -46.51
C VAL A 436 83.70 -24.96 -46.71
N ASN A 437 82.69 -25.64 -46.17
CA ASN A 437 82.55 -27.11 -46.16
C ASN A 437 83.58 -27.78 -45.24
N GLU A 438 84.52 -26.97 -44.74
CA GLU A 438 85.44 -27.45 -43.71
C GLU A 438 84.70 -27.47 -42.38
N THR A 439 84.88 -28.55 -41.62
CA THR A 439 84.16 -28.78 -40.36
C THR A 439 82.65 -28.73 -40.58
N GLU A 440 82.02 -27.64 -40.19
CA GLU A 440 80.56 -27.56 -40.26
C GLU A 440 80.10 -26.41 -41.15
N ARG A 441 78.89 -26.54 -41.71
CA ARG A 441 78.27 -25.48 -42.49
C ARG A 441 76.79 -25.27 -42.15
N GLU A 442 76.27 -26.04 -41.18
CA GLU A 442 74.88 -25.88 -40.72
C GLU A 442 74.81 -25.02 -39.45
N PHE A 443 75.76 -25.23 -38.55
CA PHE A 443 76.01 -24.34 -37.40
C PHE A 443 74.83 -24.14 -36.40
N VAL A 444 74.28 -22.93 -36.35
CA VAL A 444 73.40 -22.47 -35.26
C VAL A 444 71.97 -23.06 -35.14
N TYR A 445 71.31 -22.81 -34.00
CA TYR A 445 69.89 -23.16 -33.76
C TYR A 445 69.19 -22.24 -32.74
N SER A 446 67.93 -21.87 -33.03
CA SER A 446 67.20 -20.92 -32.19
C SER A 446 65.79 -21.36 -31.79
N GLU A 447 65.30 -20.82 -30.66
CA GLU A 447 63.99 -21.19 -30.11
C GLU A 447 63.34 -20.04 -29.34
N ARG A 448 62.02 -20.07 -29.20
CA ARG A 448 61.29 -18.97 -28.58
C ARG A 448 60.23 -19.41 -27.56
N SER A 449 60.17 -18.71 -26.44
CA SER A 449 59.13 -18.92 -25.45
C SER A 449 58.56 -17.56 -25.04
N GLY A 450 57.29 -17.34 -25.38
CA GLY A 450 56.61 -16.12 -25.02
C GLY A 450 57.25 -14.88 -25.63
N LEU A 451 57.96 -14.12 -24.80
CA LEU A 451 58.56 -12.85 -25.21
C LEU A 451 60.05 -13.05 -25.50
N LEU A 452 60.57 -14.18 -25.05
CA LEU A 452 62.00 -14.44 -25.11
C LEU A 452 62.40 -15.26 -26.32
N LEU A 453 63.44 -14.79 -27.01
CA LEU A 453 64.02 -15.49 -28.15
C LEU A 453 65.46 -15.88 -27.84
N THR A 454 65.65 -17.16 -27.51
CA THR A 454 66.97 -17.70 -27.23
C THR A 454 67.60 -18.21 -28.54
N SER A 455 68.91 -18.02 -28.71
CA SER A 455 69.62 -18.57 -29.89
C SER A 455 71.07 -19.00 -29.56
N ILE A 456 71.47 -20.17 -30.08
CA ILE A 456 72.81 -20.73 -29.83
C ILE A 456 73.64 -20.96 -31.11
N LEU A 457 74.90 -20.54 -31.05
CA LEU A 457 75.86 -20.72 -32.14
C LEU A 457 76.86 -21.84 -31.81
N THR A 458 77.37 -22.50 -32.84
CA THR A 458 78.34 -23.59 -32.67
C THR A 458 79.39 -23.62 -33.79
N ILE A 459 80.59 -23.10 -33.54
CA ILE A 459 81.70 -23.20 -34.51
C ILE A 459 82.62 -24.38 -34.19
N ARG A 460 82.78 -25.25 -35.20
CA ARG A 460 83.39 -26.56 -35.05
C ARG A 460 84.86 -26.54 -35.46
N GLY A 461 85.71 -27.18 -34.68
CA GLY A 461 87.11 -27.36 -35.02
C GLY A 461 88.00 -26.14 -34.81
N GLN A 462 87.49 -25.16 -34.08
CA GLN A 462 88.23 -23.93 -33.83
C GLN A 462 89.08 -24.07 -32.56
N ALA A 463 90.37 -23.81 -32.70
CA ALA A 463 91.30 -23.87 -31.58
C ALA A 463 90.90 -22.86 -30.50
N GLN A 464 91.62 -22.88 -29.38
CA GLN A 464 91.32 -21.96 -28.30
C GLN A 464 91.70 -20.52 -28.65
N ALA A 465 92.29 -20.33 -29.83
CA ALA A 465 92.53 -18.99 -30.35
C ALA A 465 91.20 -18.29 -30.52
N PRO A 466 90.87 -17.36 -29.61
CA PRO A 466 89.52 -16.81 -29.39
C PRO A 466 88.95 -16.05 -30.58
N PRO A 467 88.01 -16.68 -31.30
CA PRO A 467 87.34 -15.98 -32.40
C PRO A 467 86.24 -15.06 -31.87
N ARG A 468 86.37 -13.76 -32.11
CA ARG A 468 85.35 -12.81 -31.63
C ARG A 468 83.99 -13.12 -32.24
N VAL A 469 82.91 -12.91 -31.48
CA VAL A 469 81.57 -13.20 -31.97
C VAL A 469 80.56 -12.10 -31.64
N ILE A 470 79.78 -11.70 -32.66
CA ILE A 470 78.79 -10.63 -32.54
C ILE A 470 77.38 -11.14 -32.85
N CYS A 471 76.40 -10.67 -32.07
CA CYS A 471 74.99 -11.06 -32.22
C CYS A 471 74.09 -9.86 -32.59
N THR A 472 73.27 -10.01 -33.64
CA THR A 472 72.31 -8.95 -34.02
C THR A 472 70.85 -9.43 -34.13
N SER A 473 69.91 -8.55 -33.77
CA SER A 473 68.48 -8.86 -33.85
C SER A 473 67.63 -7.68 -34.34
N ARG A 474 66.82 -7.96 -35.36
CA ARG A 474 65.93 -6.97 -35.99
C ARG A 474 64.47 -7.43 -36.01
N ASN A 475 63.53 -6.51 -35.76
CA ASN A 475 62.11 -6.75 -36.04
C ASN A 475 61.57 -5.52 -36.80
N LEU A 476 60.27 -5.25 -36.72
CA LEU A 476 59.71 -4.12 -37.49
C LEU A 476 60.00 -2.77 -36.84
N TYR A 477 60.63 -2.79 -35.65
CA TYR A 477 60.79 -1.58 -34.83
C TYR A 477 62.23 -1.16 -34.58
N GLY A 478 63.06 -2.08 -34.08
CA GLY A 478 64.45 -1.77 -33.77
C GLY A 478 65.48 -2.79 -34.22
N THR A 479 66.74 -2.50 -33.95
CA THR A 479 67.83 -3.38 -34.32
C THR A 479 68.94 -3.21 -33.28
N GLN A 480 69.50 -4.33 -32.81
CA GLN A 480 70.62 -4.25 -31.87
C GLN A 480 71.75 -5.21 -32.22
N SER A 481 73.01 -4.78 -32.04
CA SER A 481 74.17 -5.67 -32.17
C SER A 481 75.07 -5.61 -30.91
N LEU A 482 75.70 -6.74 -30.56
CA LEU A 482 76.53 -6.82 -29.35
C LEU A 482 77.58 -7.94 -29.37
N GLU A 483 78.82 -7.61 -28.99
CA GLU A 483 79.92 -8.57 -28.93
C GLU A 483 79.94 -9.35 -27.61
N LEU A 484 80.01 -10.67 -27.72
CA LEU A 484 79.93 -11.53 -26.55
C LEU A 484 81.32 -11.91 -26.01
N PRO A 485 81.44 -12.11 -24.69
CA PRO A 485 82.71 -12.37 -23.99
C PRO A 485 83.01 -13.85 -23.74
N PHE A 486 84.20 -14.12 -23.21
CA PHE A 486 84.65 -15.49 -22.95
C PHE A 486 84.58 -15.86 -21.47
N GLN A 487 84.22 -17.11 -21.19
CA GLN A 487 84.09 -17.60 -19.82
C GLN A 487 84.75 -18.96 -19.63
N GLY A 488 84.85 -19.72 -20.71
CA GLY A 488 85.49 -21.03 -20.68
C GLY A 488 86.97 -20.92 -21.04
N ALA A 489 87.80 -21.66 -20.31
CA ALA A 489 89.25 -21.66 -20.50
C ALA A 489 89.84 -20.25 -20.42
#